data_9QGO
#
_entry.id   9QGO
#
_cell.length_a   1.00
_cell.length_b   1.00
_cell.length_c   1.00
_cell.angle_alpha   90.00
_cell.angle_beta   90.00
_cell.angle_gamma   90.00
#
_symmetry.space_group_name_H-M   'P 1'
#
loop_
_entity.id
_entity.type
_entity.pdbx_description
1 polymer 'Tail fiber protein'
2 polymer 'Baseplate protein J-like domain-containing protein'
#
loop_
_entity_poly.entity_id
_entity_poly.type
_entity_poly.pdbx_seq_one_letter_code
_entity_poly.pdbx_strand_id
1 'polypeptide(L)'
;MEKEHNPYNSETNLETNLENTNIKSTGPSADDLKSRFKEGSIPLQTDYADLIDIADIGRRAVGKAPDQTNNPNSALELDD
NSGLKIKINSTGGLKADQDGLSVKLKDKSLLADPNGLAVNAGRGVKINNDQLEVDGYHGIEIVNEGVKVKASNGINVNSD
GVSVKAGNGISVSGKGVEVKAKDKGSISVDSDGIAVKYWDGGGIVATDNSGLYLKLEGGNTNNGWSGVSGLSLSKNGVKV
KAGNGITVDSSGVSIDPKTVLPKGMIVMFSGSSAPTGWAFCDGNHGTPDLRSRFVMCSETISETGKSSNKASGSGNGKNY
SRNTTSTTVSVSVTVKNTTLTESQIPYHYHIGGMGYWTNKGMKYGTEYYSEYASYIRNDLDSVMQSANGARYAYTSPSGG
GQGHNHPATASSPSHDHSVNVIPPYYLLAFIMKL
;
A,B,C
2 'polypeptide(L)'
;MNNQDALFPIVKDDIAFETLLTQAKTVIEQQSGQLWSNTEENDPGITLLEACCYGASDLAYRHSLPLRDLLTPEKQEQTL
GDGIFPQEFGPQQMLTCGPITAEDYRRALLDLHSSDTDNETSEDYFFFNDVRLICEPESERYKYWYNKESREYSFIQEQE
QEQEQLQLTLRGNYWLYLLPNRETEDDKTLTQKRLNDFLKDNRNLGESVSKIIWLQPVDFLLQLDIELDDDVSDLADIFA
QVYMTTEQMVLTSPLRYSTQAMIEQGYSNEEIFEGPYLHHGWIPELSAAKDYTKPTELKLSHLANRLLAIPGVQNITRLA
LGKHDENISPLADDSWSWTIAQGYYPRLWGNDPLDLISSSASPLTITAKGGVKITVSKQDIENKIIAEPLIETQPELLNW
GKHRKVLDYYPVSNKLPACYGLQTYAETQQQVHLHQFMLPFEQMLANGCAELALLPKLLAFKQRGNTVYGTQWPFKANTV
GQQVHQEIMPDLIKQLNNDSQINSDDGIHSQNYTKELSILNYLLEYFGTHRAARPLTLDSLDFLSTQRGYLAQQPELTYQ
RNNIRIDKVSALQKRIAARLGLGGKCFEETSKLDELPFYLIEHRQLLPVKPDTKFDKEQKPDKLKIKSVPNSKNQQLIIT
QNGTTGQLLYGQVINLIIKEKENQDIRVKFILRGQMITDITGESFILDTRNSTALARSLIDVQNAYNDGNLYWCNSPVWM
EDMDYQLVYASEIYQTGTENERWITSSPQSPFPAMIEENDEITLKYVITPSGPKKSDHELKANVIKFDRIQGKILIKLTQ
DSQDNFPLAADAWRYRWYFSSEKYALADRFSFVVSMVINSQLVKNDDVDPYKLESWAKTEILAEFPAHLSMIIHWLSPED
FKDFVSTYQRWQNNGAPLGDEAYHVLETLTLGRLPSAATGIGNMRIATAQQRIGVVGESGKEWNTEVIISNQLVYVPYTG
ENLNKR
;
a,b,c
#
# COMPACT_ATOMS: atom_id res chain seq x y z
N SER A 29 7.36 -4.20 22.80
CA SER A 29 8.58 -3.46 22.49
C SER A 29 8.65 -3.14 21.02
N ALA A 30 9.53 -2.20 20.67
CA ALA A 30 9.66 -1.79 19.27
C ALA A 30 10.13 -2.95 18.40
N ASP A 31 11.20 -3.64 18.83
CA ASP A 31 11.72 -4.74 18.03
C ASP A 31 10.71 -5.87 17.91
N ASP A 32 9.90 -6.08 18.95
CA ASP A 32 8.79 -7.02 18.84
C ASP A 32 7.87 -6.60 17.70
N LEU A 33 7.52 -5.32 17.64
CA LEU A 33 6.61 -4.85 16.60
C LEU A 33 7.23 -5.01 15.22
N LYS A 34 8.53 -4.76 15.08
CA LYS A 34 9.20 -5.06 13.82
C LYS A 34 9.08 -6.54 13.48
N SER A 35 9.21 -7.40 14.50
CA SER A 35 9.13 -8.83 14.28
C SER A 35 7.75 -9.24 13.75
N ARG A 36 6.70 -8.63 14.29
CA ARG A 36 5.35 -9.01 13.86
C ARG A 36 5.03 -8.54 12.46
N PHE A 37 5.93 -7.80 11.78
CA PHE A 37 5.66 -7.22 10.48
C PHE A 37 6.68 -7.64 9.44
N LYS A 38 7.22 -8.86 9.55
CA LYS A 38 8.18 -9.33 8.56
C LYS A 38 7.45 -9.81 7.30
N GLU A 39 8.24 -9.97 6.23
CA GLU A 39 7.66 -10.42 4.96
C GLU A 39 7.09 -11.82 5.09
N GLY A 40 5.90 -12.01 4.55
CA GLY A 40 5.18 -13.25 4.65
C GLY A 40 4.14 -13.29 5.75
N SER A 41 4.23 -12.38 6.71
CA SER A 41 3.30 -12.35 7.83
C SER A 41 2.08 -11.50 7.50
N ILE A 42 0.98 -11.78 8.21
CA ILE A 42 -0.25 -11.01 8.09
C ILE A 42 -0.68 -10.55 9.47
N PRO A 43 -0.81 -9.26 9.72
CA PRO A 43 -1.10 -8.76 11.07
C PRO A 43 -2.56 -8.95 11.44
N LEU A 44 -2.81 -8.82 12.75
CA LEU A 44 -4.14 -8.89 13.34
C LEU A 44 -4.50 -7.56 13.99
N GLN A 45 -5.71 -7.48 14.51
CA GLN A 45 -6.17 -6.24 15.14
C GLN A 45 -5.38 -5.90 16.39
N THR A 46 -4.75 -6.88 17.03
CA THR A 46 -3.92 -6.60 18.19
C THR A 46 -2.71 -5.77 17.82
N ASP A 47 -2.10 -6.06 16.66
CA ASP A 47 -0.95 -5.28 16.21
C ASP A 47 -1.33 -3.82 16.01
N TYR A 48 -2.47 -3.59 15.35
CA TYR A 48 -2.91 -2.22 15.12
C TYR A 48 -3.29 -1.54 16.44
N ALA A 49 -3.91 -2.28 17.35
CA ALA A 49 -4.24 -1.71 18.65
C ALA A 49 -2.98 -1.27 19.39
N ASP A 50 -1.93 -2.10 19.36
CA ASP A 50 -0.67 -1.73 19.99
C ASP A 50 -0.08 -0.51 19.29
N LEU A 51 -0.14 -0.47 17.96
CA LEU A 51 0.38 0.68 17.22
C LEU A 51 -0.28 1.97 17.68
N ILE A 52 -1.61 2.01 17.68
CA ILE A 52 -2.29 3.23 18.11
C ILE A 52 -2.06 3.51 19.58
N ASP A 53 -1.90 2.47 20.41
CA ASP A 53 -1.55 2.68 21.81
C ASP A 53 -0.18 3.34 21.95
N ILE A 54 0.69 3.16 20.97
CA ILE A 54 1.95 3.90 20.96
C ILE A 54 1.67 5.30 20.46
N ALA A 55 1.38 6.22 21.37
CA ALA A 55 1.06 7.60 21.02
C ALA A 55 1.52 8.56 22.11
N SER B 29 -10.55 10.42 17.98
CA SER B 29 -9.83 9.98 19.18
C SER B 29 -9.16 8.63 18.94
N ALA B 30 -8.44 8.15 19.95
CA ALA B 30 -7.70 6.91 19.81
C ALA B 30 -8.61 5.72 19.62
N ASP B 31 -9.64 5.60 20.46
CA ASP B 31 -10.51 4.42 20.40
C ASP B 31 -11.34 4.40 19.11
N ASP B 32 -11.64 5.57 18.53
CA ASP B 32 -12.23 5.57 17.20
C ASP B 32 -11.29 4.93 16.19
N LEU B 33 -9.99 5.26 16.27
CA LEU B 33 -9.02 4.63 15.40
C LEU B 33 -8.96 3.13 15.62
N LYS B 34 -9.03 2.71 16.89
CA LYS B 34 -9.07 1.28 17.20
C LYS B 34 -10.25 0.61 16.52
N SER B 35 -11.45 1.18 16.69
CA SER B 35 -12.64 0.57 16.14
C SER B 35 -12.64 0.60 14.61
N ARG B 36 -11.95 1.56 14.01
CA ARG B 36 -11.81 1.56 12.57
C ARG B 36 -10.84 0.51 12.07
N PHE B 37 -9.88 0.09 12.91
CA PHE B 37 -9.00 -1.02 12.60
C PHE B 37 -9.51 -2.33 13.17
N LYS B 38 -10.67 -2.32 13.82
CA LYS B 38 -11.24 -3.51 14.42
C LYS B 38 -11.47 -4.55 13.32
N GLU B 39 -11.19 -5.81 13.65
CA GLU B 39 -11.34 -6.95 12.75
C GLU B 39 -12.59 -6.84 11.87
N GLY B 40 -12.39 -7.06 10.58
CA GLY B 40 -13.47 -7.03 9.61
C GLY B 40 -13.70 -5.68 8.97
N SER B 41 -13.22 -4.61 9.57
CA SER B 41 -13.39 -3.28 9.00
C SER B 41 -12.44 -3.09 7.84
N ILE B 42 -12.87 -2.30 6.87
CA ILE B 42 -12.06 -1.99 5.69
C ILE B 42 -11.31 -0.69 5.98
N PRO B 43 -10.00 -0.72 6.13
CA PRO B 43 -9.25 0.53 6.33
C PRO B 43 -9.22 1.34 5.05
N LEU B 44 -9.09 2.65 5.21
CA LEU B 44 -8.92 3.56 4.09
C LEU B 44 -7.67 4.39 4.32
N GLN B 45 -7.12 4.91 3.21
CA GLN B 45 -5.90 5.70 3.30
C GLN B 45 -6.07 6.91 4.20
N THR B 46 -7.30 7.36 4.41
CA THR B 46 -7.54 8.41 5.40
C THR B 46 -7.18 7.91 6.80
N ASP B 47 -7.57 6.69 7.14
CA ASP B 47 -7.24 6.14 8.46
C ASP B 47 -5.73 6.08 8.66
N TYR B 48 -5.01 5.62 7.63
CA TYR B 48 -3.56 5.65 7.70
C TYR B 48 -3.05 7.07 7.82
N ALA B 49 -3.75 8.05 7.24
CA ALA B 49 -3.32 9.44 7.37
C ALA B 49 -3.38 9.90 8.83
N ASP B 50 -4.49 9.60 9.52
CA ASP B 50 -4.52 9.93 10.94
C ASP B 50 -3.49 9.14 11.71
N LEU B 51 -3.25 7.88 11.34
CA LEU B 51 -2.22 7.11 12.03
C LEU B 51 -0.86 7.80 11.90
N ILE B 52 -0.53 8.29 10.72
CA ILE B 52 0.76 8.95 10.52
C ILE B 52 0.80 10.25 11.31
N ASP B 53 -0.23 11.08 11.19
CA ASP B 53 -0.17 12.40 11.79
C ASP B 53 -0.29 12.35 13.31
N ILE B 54 -0.78 11.25 13.87
CA ILE B 54 -0.74 11.08 15.32
C ILE B 54 0.70 11.09 15.81
N ALA B 55 1.57 10.36 15.11
CA ALA B 55 2.99 10.35 15.44
C ALA B 55 3.65 11.66 15.02
N SER C 29 10.82 11.30 5.24
CA SER C 29 10.00 12.34 5.86
C SER C 29 8.54 11.92 5.90
N ALA C 30 7.70 12.76 6.52
CA ALA C 30 6.29 12.42 6.66
C ALA C 30 5.58 12.33 5.33
N ASP C 31 5.83 13.30 4.44
CA ASP C 31 5.15 13.29 3.14
C ASP C 31 5.51 12.05 2.35
N ASP C 32 6.79 11.72 2.27
CA ASP C 32 7.20 10.45 1.65
C ASP C 32 6.58 9.28 2.40
N LEU C 33 6.38 9.42 3.71
CA LEU C 33 5.87 8.30 4.49
C LEU C 33 4.43 7.96 4.09
N LYS C 34 3.53 8.95 4.06
CA LYS C 34 2.19 8.60 3.63
C LYS C 34 2.05 8.62 2.11
N SER C 35 3.13 8.91 1.39
CA SER C 35 3.15 8.59 -0.04
C SER C 35 3.02 7.09 -0.26
N ARG C 36 3.68 6.29 0.57
CA ARG C 36 3.62 4.84 0.42
C ARG C 36 2.23 4.29 0.69
N PHE C 37 1.47 4.94 1.57
CA PHE C 37 0.16 4.45 1.98
C PHE C 37 -0.97 4.99 1.11
N LYS C 38 -0.69 5.28 -0.15
CA LYS C 38 -1.71 5.73 -1.08
C LYS C 38 -2.67 4.59 -1.40
N GLU C 39 -3.85 4.98 -1.88
CA GLU C 39 -4.85 4.00 -2.27
C GLU C 39 -4.32 3.11 -3.38
N GLY C 40 -4.68 1.83 -3.32
CA GLY C 40 -4.26 0.88 -4.32
C GLY C 40 -2.88 0.29 -4.11
N SER C 41 -2.25 0.56 -2.99
CA SER C 41 -0.89 0.11 -2.73
C SER C 41 -0.89 -1.07 -1.74
N ILE C 42 0.20 -1.81 -1.77
CA ILE C 42 0.51 -2.83 -0.78
C ILE C 42 1.79 -2.41 -0.06
N PRO C 43 1.67 -1.82 1.13
CA PRO C 43 2.87 -1.36 1.84
C PRO C 43 3.81 -2.53 2.14
N LEU C 44 5.11 -2.27 2.00
CA LEU C 44 6.11 -3.27 2.31
C LEU C 44 6.45 -3.26 3.80
N GLN C 45 7.27 -4.22 4.21
CA GLN C 45 7.65 -4.28 5.62
C GLN C 45 8.52 -3.09 6.00
N THR C 46 9.25 -2.51 5.05
CA THR C 46 10.07 -1.34 5.35
C THR C 46 9.21 -0.18 5.80
N ASP C 47 8.07 0.05 5.11
CA ASP C 47 7.19 1.14 5.50
C ASP C 47 6.72 0.96 6.94
N TYR C 48 6.32 -0.26 7.29
CA TYR C 48 5.98 -0.56 8.68
C TYR C 48 7.16 -0.29 9.59
N ALA C 49 8.37 -0.56 9.13
CA ALA C 49 9.56 -0.34 9.95
C ALA C 49 9.72 1.14 10.30
N ASP C 50 9.64 2.02 9.30
CA ASP C 50 9.69 3.44 9.62
C ASP C 50 8.49 3.88 10.43
N LEU C 51 7.33 3.24 10.26
CA LEU C 51 6.18 3.58 11.09
C LEU C 51 6.45 3.31 12.55
N ILE C 52 7.05 2.17 12.87
CA ILE C 52 7.44 1.92 14.26
C ILE C 52 8.53 2.89 14.68
N ASP C 53 9.43 3.23 13.75
CA ASP C 53 10.54 4.11 14.10
C ASP C 53 10.06 5.48 14.54
N ILE C 54 9.10 6.06 13.83
CA ILE C 54 8.65 7.41 14.18
C ILE C 54 7.91 7.39 15.52
N ALA C 55 7.10 6.36 15.76
CA ALA C 55 6.40 6.23 17.02
C ALA C 55 7.30 5.64 18.10
N ASP D 622 13.78 -1.69 -27.81
CA ASP D 622 14.75 -2.78 -27.84
C ASP D 622 15.78 -2.61 -26.73
N LYS D 623 16.01 -1.37 -26.33
CA LYS D 623 16.93 -1.05 -25.25
C LYS D 623 16.17 -0.31 -24.15
N LEU D 624 16.29 -0.80 -22.92
CA LEU D 624 15.65 -0.15 -21.80
C LEU D 624 16.64 -0.04 -20.64
N LYS D 625 16.52 1.03 -19.87
CA LYS D 625 17.30 1.22 -18.67
C LYS D 625 16.40 1.72 -17.55
N ILE D 626 16.79 1.40 -16.32
CA ILE D 626 16.04 1.75 -15.12
C ILE D 626 16.87 2.72 -14.30
N LYS D 627 16.29 3.86 -13.95
CA LYS D 627 17.03 4.94 -13.32
C LYS D 627 16.15 5.53 -12.22
N SER D 628 16.74 5.74 -11.04
CA SER D 628 16.01 6.18 -9.86
C SER D 628 16.20 7.69 -9.66
N VAL D 629 15.08 8.41 -9.56
CA VAL D 629 15.11 9.86 -9.37
C VAL D 629 15.64 10.17 -7.96
N PRO D 630 16.46 11.21 -7.81
CA PRO D 630 16.99 11.53 -6.47
C PRO D 630 15.96 12.19 -5.58
N ASN D 631 16.32 12.30 -4.30
CA ASN D 631 15.51 12.94 -3.26
C ASN D 631 14.17 12.24 -3.05
N SER D 632 14.01 11.04 -3.60
CA SER D 632 12.80 10.25 -3.47
C SER D 632 13.12 8.85 -3.96
N LYS D 633 12.13 7.97 -3.91
CA LYS D 633 12.35 6.56 -4.22
C LYS D 633 11.57 6.07 -5.43
N ASN D 634 10.70 6.89 -6.02
CA ASN D 634 9.93 6.41 -7.15
C ASN D 634 10.86 6.08 -8.33
N GLN D 635 10.42 5.16 -9.16
CA GLN D 635 11.30 4.47 -10.08
C GLN D 635 10.93 4.86 -11.51
N GLN D 636 11.91 5.32 -12.28
CA GLN D 636 11.67 5.77 -13.65
C GLN D 636 12.24 4.75 -14.64
N LEU D 637 11.39 4.30 -15.54
CA LEU D 637 11.72 3.26 -16.51
C LEU D 637 11.78 3.88 -17.89
N ILE D 638 12.86 3.64 -18.61
CA ILE D 638 13.07 4.19 -19.94
C ILE D 638 13.02 3.05 -20.96
N ILE D 639 12.59 3.38 -22.18
CA ILE D 639 12.49 2.42 -23.27
C ILE D 639 12.71 3.15 -24.58
N THR D 640 13.44 2.51 -25.50
CA THR D 640 13.61 3.01 -26.85
C THR D 640 13.36 1.88 -27.84
N GLN D 641 12.95 2.25 -29.05
CA GLN D 641 12.65 1.27 -30.09
C GLN D 641 12.85 1.85 -31.48
N ILE E 686 9.64 6.91 -21.83
CA ILE E 686 9.52 7.58 -20.54
C ILE E 686 8.34 7.03 -19.75
N LEU E 687 8.59 6.00 -18.95
CA LEU E 687 7.58 5.41 -18.09
C LEU E 687 7.96 5.59 -16.63
N ASP E 688 6.95 5.85 -15.80
CA ASP E 688 7.13 6.04 -14.37
C ASP E 688 6.16 5.16 -13.61
N THR E 689 6.62 4.58 -12.50
CA THR E 689 5.74 3.77 -11.68
C THR E 689 4.95 4.58 -10.66
N ARG E 690 5.18 5.89 -10.59
CA ARG E 690 4.37 6.72 -9.71
C ARG E 690 2.90 6.70 -10.12
N ASN E 691 2.62 6.35 -11.37
CA ASN E 691 1.27 6.35 -11.90
C ASN E 691 0.68 4.95 -11.98
N SER E 692 1.36 3.94 -11.43
CA SER E 692 0.79 2.60 -11.29
C SER E 692 1.69 1.73 -10.43
N THR E 693 1.12 1.04 -9.43
CA THR E 693 1.91 0.20 -8.54
C THR E 693 2.39 -1.09 -9.20
N ALA E 694 1.81 -1.47 -10.34
CA ALA E 694 2.18 -2.74 -10.95
C ALA E 694 3.64 -2.76 -11.38
N LEU E 695 4.11 -1.66 -11.98
CA LEU E 695 5.53 -1.59 -12.31
C LEU E 695 6.38 -1.59 -11.04
N ALA E 696 5.92 -0.90 -10.00
CA ALA E 696 6.65 -0.91 -8.73
C ALA E 696 6.82 -2.33 -8.20
N ARG E 697 5.82 -3.19 -8.41
CA ARG E 697 5.88 -4.55 -7.92
C ARG E 697 6.62 -5.50 -8.83
N SER E 698 6.63 -5.25 -10.14
CA SER E 698 7.17 -6.21 -11.10
C SER E 698 8.31 -5.64 -11.94
N LEU E 699 9.00 -4.60 -11.46
CA LEU E 699 10.14 -4.10 -12.20
C LEU E 699 11.25 -5.15 -12.27
N ILE E 700 11.44 -5.92 -11.19
CA ILE E 700 12.37 -7.04 -11.25
C ILE E 700 11.95 -8.03 -12.33
N ASP E 701 10.66 -8.34 -12.40
CA ASP E 701 10.18 -9.32 -13.36
C ASP E 701 10.41 -8.85 -14.79
N VAL E 702 10.13 -7.57 -15.08
CA VAL E 702 10.34 -7.09 -16.44
C VAL E 702 11.83 -7.02 -16.75
N GLN E 703 12.67 -6.73 -15.74
CA GLN E 703 14.10 -6.78 -15.95
C GLN E 703 14.52 -8.18 -16.39
N ASN E 704 14.06 -9.21 -15.67
CA ASN E 704 14.39 -10.57 -16.05
C ASN E 704 13.84 -10.91 -17.44
N ALA E 705 12.63 -10.44 -17.75
CA ALA E 705 12.04 -10.72 -19.06
C ALA E 705 12.90 -10.13 -20.17
N TYR E 706 13.41 -8.91 -19.97
CA TYR E 706 14.37 -8.35 -20.91
C TYR E 706 15.64 -9.20 -20.97
N ASN E 707 16.11 -9.66 -19.81
CA ASN E 707 17.34 -10.45 -19.78
C ASN E 707 17.21 -11.71 -20.65
N ASP E 708 16.07 -12.38 -20.56
CA ASP E 708 15.83 -13.54 -21.41
C ASP E 708 14.95 -13.17 -22.60
N LYS F 882 -14.09 12.42 1.47
CA LYS F 882 -12.80 12.57 2.12
C LYS F 882 -11.73 11.80 1.37
N ASP F 883 -12.00 10.51 1.16
CA ASP F 883 -11.10 9.68 0.35
C ASP F 883 -11.04 10.25 -1.07
N PHE F 884 -12.18 10.65 -1.61
CA PHE F 884 -12.21 11.28 -2.92
C PHE F 884 -11.33 12.52 -2.95
N VAL F 885 -11.44 13.36 -1.92
CA VAL F 885 -10.65 14.59 -1.89
C VAL F 885 -9.17 14.26 -1.86
N SER F 886 -8.79 13.30 -1.03
CA SER F 886 -7.38 12.94 -0.92
C SER F 886 -6.83 12.45 -2.26
N THR F 887 -7.52 11.49 -2.88
CA THR F 887 -7.03 10.94 -4.12
C THR F 887 -7.07 11.97 -5.24
N TYR F 888 -8.04 12.89 -5.22
CA TYR F 888 -8.11 13.92 -6.24
C TYR F 888 -6.94 14.88 -6.12
N GLN F 889 -6.64 15.33 -4.91
CA GLN F 889 -5.49 16.21 -4.72
C GLN F 889 -4.21 15.52 -5.15
N ARG F 890 -4.05 14.24 -4.79
CA ARG F 890 -2.84 13.51 -5.15
C ARG F 890 -2.72 13.38 -6.66
N TRP F 891 -3.81 13.03 -7.33
CA TRP F 891 -3.80 12.93 -8.78
C TRP F 891 -3.44 14.26 -9.41
N GLN F 892 -3.97 15.35 -8.85
CA GLN F 892 -3.75 16.66 -9.47
C GLN F 892 -2.31 17.12 -9.32
N ASN F 893 -1.74 17.06 -8.11
CA ASN F 893 -0.37 17.57 -8.03
C ASN F 893 0.59 16.59 -8.68
N ASN F 894 0.15 15.35 -8.92
CA ASN F 894 0.94 14.44 -9.73
C ASN F 894 1.06 14.91 -11.17
N GLY F 895 0.27 15.89 -11.57
CA GLY F 895 0.20 16.34 -12.94
C GLY F 895 -0.99 15.86 -13.71
N ALA F 896 -2.03 15.36 -13.04
CA ALA F 896 -3.18 14.74 -13.68
C ALA F 896 -2.78 13.67 -14.70
N PRO F 897 -1.99 12.67 -14.31
CA PRO F 897 -1.62 11.60 -15.24
C PRO F 897 -2.72 10.54 -15.33
N LEU F 898 -2.49 9.58 -16.21
CA LEU F 898 -3.42 8.49 -16.42
C LEU F 898 -2.87 7.24 -15.72
N GLY F 899 -3.55 6.82 -14.66
CA GLY F 899 -3.10 5.65 -13.92
C GLY F 899 -4.10 5.27 -12.86
N ASP F 900 -3.62 4.45 -11.90
CA ASP F 900 -4.49 4.03 -10.82
C ASP F 900 -5.04 5.21 -10.06
N GLU F 901 -4.25 6.28 -9.92
CA GLU F 901 -4.78 7.51 -9.36
C GLU F 901 -5.93 8.04 -10.21
N ALA F 902 -5.80 7.95 -11.53
CA ALA F 902 -6.89 8.37 -12.41
C ALA F 902 -8.02 7.37 -12.40
N TYR F 903 -7.70 6.07 -12.38
CA TYR F 903 -8.74 5.06 -12.53
C TYR F 903 -9.62 4.96 -11.28
N HIS F 904 -9.06 5.20 -10.11
CA HIS F 904 -9.91 5.21 -8.92
C HIS F 904 -10.91 6.36 -8.96
N VAL F 905 -10.48 7.54 -9.41
CA VAL F 905 -11.42 8.64 -9.59
C VAL F 905 -12.45 8.28 -10.65
N LEU F 906 -12.02 7.65 -11.73
CA LEU F 906 -12.91 7.20 -12.78
C LEU F 906 -14.01 6.31 -12.22
N GLU F 907 -13.63 5.31 -11.42
CA GLU F 907 -14.63 4.41 -10.86
C GLU F 907 -15.48 5.11 -9.82
N THR F 908 -14.92 6.11 -9.15
CA THR F 908 -15.69 6.86 -8.16
C THR F 908 -16.81 7.65 -8.80
N LEU F 909 -16.57 8.26 -9.96
CA LEU F 909 -17.62 8.94 -10.72
C LEU F 909 -18.45 7.95 -11.54
N THR F 910 -18.28 6.66 -11.28
CA THR F 910 -19.06 5.56 -11.86
C THR F 910 -19.39 5.79 -13.34
N LEU F 911 -18.33 5.91 -14.14
CA LEU F 911 -18.49 5.92 -15.58
C LEU F 911 -17.45 5.10 -16.32
N GLY F 912 -16.62 4.33 -15.62
CA GLY F 912 -15.64 3.47 -16.24
C GLY F 912 -14.76 2.78 -15.21
N ARG F 913 -14.11 1.68 -15.58
CA ARG F 913 -13.29 0.94 -14.64
C ARG F 913 -12.20 0.20 -15.39
N LEU F 914 -11.03 0.08 -14.75
CA LEU F 914 -9.94 -0.76 -15.24
C LEU F 914 -9.35 -1.51 -14.05
N PRO F 915 -10.01 -2.57 -13.59
CA PRO F 915 -9.52 -3.31 -12.42
C PRO F 915 -8.14 -3.92 -12.65
N SER F 916 -7.22 -3.65 -11.74
CA SER F 916 -5.90 -4.23 -11.81
C SER F 916 -5.84 -5.54 -11.04
N ALA F 917 -4.87 -6.38 -11.41
CA ALA F 917 -4.72 -7.70 -10.79
C ALA F 917 -3.96 -7.56 -9.47
N ALA F 918 -4.64 -6.97 -8.50
CA ALA F 918 -4.09 -6.76 -7.15
C ALA F 918 -5.26 -6.42 -6.24
N THR F 919 -4.94 -6.01 -5.02
CA THR F 919 -5.95 -5.60 -4.03
C THR F 919 -5.29 -4.53 -3.16
N GLY F 920 -5.62 -3.28 -3.44
CA GLY F 920 -4.99 -2.16 -2.77
C GLY F 920 -5.62 -1.81 -1.44
N ILE F 921 -5.19 -0.66 -0.90
CA ILE F 921 -5.65 -0.20 0.40
C ILE F 921 -7.16 -0.01 0.43
N GLY F 922 -7.75 0.31 -0.73
CA GLY F 922 -9.16 0.68 -0.77
C GLY F 922 -10.12 -0.38 -0.26
N ASN F 923 -9.69 -1.64 -0.23
CA ASN F 923 -10.58 -2.72 0.21
C ASN F 923 -9.71 -3.86 0.75
N MET F 924 -9.61 -3.95 2.07
CA MET F 924 -8.83 -5.01 2.73
C MET F 924 -9.59 -5.46 3.97
N ARG F 925 -10.29 -6.57 3.88
CA ARG F 925 -10.85 -7.17 5.09
C ARG F 925 -9.71 -7.67 5.98
N ILE F 926 -9.95 -7.64 7.29
CA ILE F 926 -8.96 -8.06 8.27
C ILE F 926 -9.30 -9.48 8.72
N ALA F 927 -8.32 -10.38 8.60
CA ALA F 927 -8.56 -11.80 8.76
C ALA F 927 -8.54 -12.22 10.22
N THR F 928 -9.20 -13.33 10.51
CA THR F 928 -9.25 -13.91 11.84
C THR F 928 -7.97 -14.67 12.14
N ALA F 929 -7.82 -15.09 13.41
CA ALA F 929 -6.63 -15.84 13.80
C ALA F 929 -6.57 -17.20 13.11
N GLN F 930 -7.71 -17.89 13.01
CA GLN F 930 -7.72 -19.15 12.29
C GLN F 930 -7.42 -18.93 10.80
N GLN F 931 -7.73 -17.76 10.27
CA GLN F 931 -7.27 -17.44 8.93
C GLN F 931 -5.75 -17.38 8.88
N ARG F 932 -5.14 -16.81 9.93
CA ARG F 932 -3.68 -16.79 10.00
C ARG F 932 -3.12 -18.21 10.04
N ILE F 933 -3.71 -19.08 10.85
CA ILE F 933 -3.20 -20.45 10.92
C ILE F 933 -3.44 -21.17 9.61
N GLY F 934 -4.51 -20.81 8.88
CA GLY F 934 -4.73 -21.41 7.59
C GLY F 934 -3.69 -21.01 6.57
N VAL F 935 -3.36 -19.72 6.52
CA VAL F 935 -2.40 -19.26 5.52
C VAL F 935 -0.99 -19.76 5.86
N VAL F 936 -0.59 -19.64 7.12
CA VAL F 936 0.74 -20.06 7.51
C VAL F 936 0.82 -21.59 7.55
N TRP F 943 2.78 -21.00 3.90
CA TRP F 943 2.27 -19.75 3.35
C TRP F 943 1.27 -20.02 2.23
N ASN F 944 -0.01 -20.08 2.59
CA ASN F 944 -1.08 -20.40 1.66
C ASN F 944 -1.55 -19.14 0.97
N THR F 945 -1.18 -18.96 -0.30
CA THR F 945 -1.58 -17.77 -1.03
C THR F 945 -3.03 -17.84 -1.52
N GLU F 946 -3.54 -19.05 -1.74
CA GLU F 946 -4.88 -19.17 -2.32
C GLU F 946 -5.95 -18.62 -1.38
N VAL F 947 -5.83 -18.85 -0.07
CA VAL F 947 -6.79 -18.25 0.84
C VAL F 947 -6.64 -16.73 0.86
N ILE F 948 -5.40 -16.24 0.75
CA ILE F 948 -5.16 -14.79 0.72
C ILE F 948 -5.92 -14.17 -0.44
N ILE F 949 -5.76 -14.74 -1.64
CA ILE F 949 -6.48 -14.19 -2.78
C ILE F 949 -7.96 -14.51 -2.71
N SER F 950 -8.36 -15.50 -1.92
CA SER F 950 -9.77 -15.83 -1.79
C SER F 950 -10.51 -14.79 -0.97
N ASN F 951 -9.94 -14.36 0.15
CA ASN F 951 -10.65 -13.51 1.09
C ASN F 951 -10.19 -12.06 1.10
N GLN F 952 -9.29 -11.69 0.19
CA GLN F 952 -8.81 -10.30 0.07
C GLN F 952 -8.29 -9.78 1.41
N LEU F 953 -7.25 -10.44 1.91
CA LEU F 953 -6.69 -10.13 3.22
C LEU F 953 -5.42 -9.31 3.06
N VAL F 954 -4.79 -9.00 4.19
CA VAL F 954 -3.57 -8.21 4.19
C VAL F 954 -2.41 -9.08 3.72
N TYR F 955 -1.66 -8.57 2.74
CA TYR F 955 -0.60 -9.31 2.07
C TYR F 955 0.71 -8.56 2.26
N VAL F 956 1.80 -9.31 2.37
CA VAL F 956 3.12 -8.70 2.42
C VAL F 956 4.05 -9.37 1.42
#